data_7SLQ
#
_entry.id   7SLQ
#
_cell.length_a   1.00
_cell.length_b   1.00
_cell.length_c   1.00
_cell.angle_alpha   90.00
_cell.angle_beta   90.00
_cell.angle_gamma   90.00
#
_symmetry.space_group_name_H-M   'P 1'
#
loop_
_entity.id
_entity.type
_entity.pdbx_description
1 polymer '7SK snRNA methylphosphate capping enzyme'
2 polymer 'La-related protein 7'
3 polymer 'Minimal circular 7SK RNA'
4 non-polymer S-ADENOSYL-L-HOMOCYSTEINE
#
loop_
_entity_poly.entity_id
_entity_poly.type
_entity_poly.pdbx_seq_one_letter_code
_entity_poly.pdbx_strand_id
1 'polypeptide(L)'
;MGSSHHHHHHSSGLVPRGSPLPAAGFKKQQRKFQYGNYCKYYGYRNPSCEDGRLRVLKPEWFRGRDVLDLGCNVGHLTLS
IACKWGPSRMVGLDIDSRLIHSARQNIRHYLSEELRLPPQTLEGDPGAEGEEGTTTVRKRSCFPASLTASRGPIAAPQVP
LDGADTSVFPNNVVFVTGNYVLDRDDLVEAQTPEYDVVLCLSLTKWVHLNWGDEGLKRMFRRIYRHLRPGGILVLEPQPW
SSYGKRKTLTETIYKNYYRIQLKPEQFSSYLTSPDVGFSSYELVATPHNTSKGFQRPVYLFHKARSPSH
;
A
2 'polypeptide(L)'
;GMETESGNQEKVMEEESTEKKKEVEKKKRSRVKQVLADIAKQVDFWFGDANLHKDRFLREQIEKSRDGYVDISLLVSFNK
MKKLTTDGKLIARALRSSAVVELDLEGTRIRRKKPLGERPKDEDERTVYVELLPKNVNHSWIERVFGKCGNVVYISIPHY
KSTGDPKGFAFVEFETKEQAAKAIEFLNNPPEEAPRKPGIFPKTVKNKPIPALRVVEEKKKKKKKKGRMKKEDNIQAKEE
NMDTSNTSISKMKRSRPTSEGSDIESTGEEVIPLRVLSKSEWMDLKKEYLALQKASMASLKKTISQIKSESEMETDSGVP
QNTGMKNEKTANREECRTQEKVNATGPQFVSGVIVKIISTEPLPGRKQVRDTLAAISEVLYVDLLEGDTECHARFKTPED
AQAVINAYTEINKKHCWKLEILSGDHEQRYWQKILVDRQAKLNQPREKKRGTEKLITKAEKIRLAKTQQASKHIRFSEYD
;
B
3 'polyribonucleotide' (G5J)GAUGUGAGGCUUCGGCCAGACACAUCCAAAUGAGGCGCUGCAUGUGGCAGUCUGCCUUUCUUUU R
#
# COMPACT_ATOMS: atom_id res chain seq x y z
N PHE A 33 -10.17 -8.79 -3.32
CA PHE A 33 -10.69 -7.66 -2.55
C PHE A 33 -12.21 -7.76 -2.42
N GLN A 34 -12.72 -7.56 -1.21
CA GLN A 34 -14.13 -7.81 -0.95
C GLN A 34 -14.95 -6.52 -0.94
N TYR A 35 -14.41 -5.44 -0.36
CA TYR A 35 -15.23 -4.26 -0.09
C TYR A 35 -15.45 -3.42 -1.32
N GLY A 36 -14.73 -3.67 -2.40
CA GLY A 36 -14.74 -2.80 -3.55
C GLY A 36 -13.59 -1.82 -3.58
N ASN A 37 -12.62 -1.98 -2.69
CA ASN A 37 -11.51 -1.05 -2.62
C ASN A 37 -10.52 -1.27 -3.77
N TYR A 38 -10.26 -0.21 -4.51
CA TYR A 38 -9.33 -0.24 -5.65
C TYR A 38 -8.10 0.59 -5.30
N CYS A 39 -6.93 -0.02 -5.39
CA CYS A 39 -5.68 0.73 -5.28
C CYS A 39 -5.33 1.47 -6.57
N LYS A 40 -6.17 1.39 -7.60
CA LYS A 40 -5.83 1.83 -8.94
C LYS A 40 -6.17 3.30 -9.13
N TYR A 41 -5.90 3.78 -10.35
CA TYR A 41 -6.28 5.11 -10.84
C TYR A 41 -5.62 6.21 -10.01
N TYR A 42 -4.33 6.05 -9.77
CA TYR A 42 -3.57 7.02 -8.99
C TYR A 42 -3.36 8.29 -9.81
N GLY A 43 -3.43 9.43 -9.14
CA GLY A 43 -3.35 10.70 -9.83
C GLY A 43 -2.15 11.55 -9.46
N TYR A 44 -1.24 11.70 -10.42
CA TYR A 44 -0.15 12.66 -10.29
C TYR A 44 -0.67 14.09 -10.27
N ARG A 45 -1.68 14.36 -11.09
CA ARG A 45 -2.09 15.73 -11.40
C ARG A 45 -2.73 16.41 -10.19
N ASN A 46 -2.64 17.72 -10.20
CA ASN A 46 -3.14 18.63 -9.20
C ASN A 46 -4.65 18.84 -9.43
N PRO A 47 -5.42 19.45 -8.48
CA PRO A 47 -6.87 19.70 -8.67
C PRO A 47 -7.35 20.18 -10.04
N SER A 48 -6.57 21.00 -10.76
CA SER A 48 -6.96 21.42 -12.11
C SER A 48 -7.61 20.35 -12.99
N CYS A 49 -7.15 19.10 -12.87
CA CYS A 49 -7.74 17.98 -13.59
C CYS A 49 -8.45 17.05 -12.59
N GLU A 50 -9.66 16.63 -12.92
CA GLU A 50 -10.47 15.77 -12.08
C GLU A 50 -11.07 14.64 -12.90
N ASP A 51 -11.60 13.63 -12.21
CA ASP A 51 -12.15 12.44 -12.87
C ASP A 51 -13.64 12.62 -13.15
N GLY A 52 -13.94 13.57 -14.02
CA GLY A 52 -15.27 13.66 -14.59
C GLY A 52 -16.34 14.32 -13.73
N ARG A 53 -16.59 13.77 -12.55
CA ARG A 53 -17.73 14.06 -11.67
C ARG A 53 -18.00 15.54 -11.38
N LEU A 54 -16.97 16.37 -11.38
CA LEU A 54 -17.09 17.66 -10.70
C LEU A 54 -17.79 18.69 -11.58
N ARG A 55 -17.94 18.40 -12.88
CA ARG A 55 -18.75 19.29 -13.72
C ARG A 55 -20.23 19.09 -13.46
N VAL A 56 -20.61 17.94 -12.88
CA VAL A 56 -22.02 17.66 -12.63
C VAL A 56 -22.52 18.43 -11.40
N LEU A 57 -21.76 18.40 -10.32
CA LEU A 57 -22.19 18.98 -9.06
C LEU A 57 -22.17 20.51 -9.13
N LYS A 58 -22.93 21.13 -8.22
CA LYS A 58 -22.95 22.58 -8.13
C LYS A 58 -22.26 23.04 -6.86
N PRO A 59 -21.42 24.08 -6.91
CA PRO A 59 -20.62 24.43 -5.73
C PRO A 59 -21.35 25.20 -4.65
N GLU A 60 -22.66 25.43 -4.82
CA GLU A 60 -23.38 26.36 -3.95
C GLU A 60 -23.54 25.82 -2.53
N TRP A 61 -23.53 24.49 -2.35
CA TRP A 61 -23.81 23.95 -1.03
C TRP A 61 -22.54 23.77 -0.22
N PHE A 62 -21.38 23.79 -0.87
CA PHE A 62 -20.15 23.39 -0.20
C PHE A 62 -19.55 24.48 0.67
N ARG A 63 -19.62 25.74 0.21
CA ARG A 63 -18.79 26.80 0.76
C ARG A 63 -19.15 27.14 2.20
N GLY A 64 -18.14 27.12 3.06
CA GLY A 64 -18.34 27.38 4.48
C GLY A 64 -19.17 26.34 5.18
N ARG A 65 -18.98 25.06 4.84
CA ARG A 65 -19.82 24.00 5.36
C ARG A 65 -18.96 22.79 5.69
N ASP A 66 -19.18 22.23 6.87
CA ASP A 66 -18.52 21.01 7.28
C ASP A 66 -19.02 19.84 6.43
N VAL A 67 -18.10 19.00 5.98
CA VAL A 67 -18.46 17.94 5.03
C VAL A 67 -17.86 16.63 5.50
N LEU A 68 -18.65 15.56 5.45
CA LEU A 68 -18.13 14.18 5.56
C LEU A 68 -18.20 13.59 4.17
N ASP A 69 -17.25 12.72 3.84
CA ASP A 69 -17.21 12.06 2.54
C ASP A 69 -17.05 10.56 2.76
N LEU A 70 -18.10 9.79 2.49
CA LEU A 70 -18.00 8.31 2.67
C LEU A 70 -17.47 7.68 1.39
N GLY A 71 -16.88 6.48 1.50
CA GLY A 71 -16.39 5.72 0.34
C GLY A 71 -15.36 6.45 -0.51
N CYS A 72 -14.39 7.15 0.10
CA CYS A 72 -13.30 7.80 -0.66
C CYS A 72 -12.10 6.84 -0.66
N ASN A 73 -11.44 6.65 -1.80
CA ASN A 73 -10.32 5.66 -1.87
C ASN A 73 -8.95 6.33 -1.83
N VAL A 74 -8.77 7.44 -2.57
CA VAL A 74 -7.46 8.15 -2.59
C VAL A 74 -7.74 9.66 -2.50
N GLY A 75 -9.02 10.01 -2.46
CA GLY A 75 -9.49 11.40 -2.36
C GLY A 75 -9.24 12.18 -3.63
N HIS A 76 -8.99 11.49 -4.75
CA HIS A 76 -8.78 12.24 -5.99
C HIS A 76 -9.96 13.15 -6.28
N LEU A 77 -11.13 12.81 -5.74
CA LEU A 77 -12.26 13.73 -5.81
C LEU A 77 -12.26 14.67 -4.61
N THR A 78 -11.86 14.17 -3.44
CA THR A 78 -11.90 14.95 -2.21
C THR A 78 -10.96 16.14 -2.26
N LEU A 79 -9.70 15.90 -2.66
CA LEU A 79 -8.73 16.97 -2.79
C LEU A 79 -9.15 17.99 -3.86
N SER A 80 -9.73 17.50 -4.95
CA SER A 80 -10.08 18.41 -6.04
C SER A 80 -11.33 19.22 -5.73
N ILE A 81 -12.18 18.74 -4.82
CA ILE A 81 -13.23 19.60 -4.28
C ILE A 81 -12.64 20.65 -3.34
N ALA A 82 -11.89 20.17 -2.34
CA ALA A 82 -11.31 21.06 -1.31
C ALA A 82 -10.40 22.11 -1.93
N CYS A 83 -9.79 21.78 -3.07
CA CYS A 83 -8.84 22.70 -3.74
C CYS A 83 -9.52 23.99 -4.21
N LYS A 84 -10.74 23.91 -4.76
CA LYS A 84 -11.35 25.16 -5.31
C LYS A 84 -12.54 25.67 -4.48
N TRP A 85 -13.56 24.85 -4.29
CA TRP A 85 -14.81 25.28 -3.59
C TRP A 85 -14.55 25.75 -2.15
N GLY A 86 -13.33 25.54 -1.64
CA GLY A 86 -12.97 26.03 -0.31
C GLY A 86 -13.92 25.61 0.81
N PRO A 87 -14.30 24.33 0.94
CA PRO A 87 -15.18 23.91 2.04
C PRO A 87 -14.45 24.18 3.37
N SER A 88 -15.19 24.62 4.40
CA SER A 88 -14.58 24.99 5.70
C SER A 88 -13.82 23.81 6.31
N ARG A 89 -14.37 22.61 6.21
CA ARG A 89 -13.70 21.39 6.72
C ARG A 89 -14.14 20.21 5.84
N MET A 90 -13.32 19.16 5.72
CA MET A 90 -13.76 18.04 4.91
C MET A 90 -13.09 16.77 5.37
N VAL A 91 -13.87 15.88 5.97
CA VAL A 91 -13.35 14.64 6.54
C VAL A 91 -13.74 13.51 5.61
N GLY A 92 -12.74 12.93 4.93
CA GLY A 92 -12.96 11.72 4.17
C GLY A 92 -12.91 10.53 5.11
N LEU A 93 -13.64 9.47 4.75
CA LEU A 93 -13.72 8.28 5.57
C LEU A 93 -13.74 7.04 4.69
N ASP A 94 -12.90 6.07 5.03
CA ASP A 94 -12.79 4.86 4.25
C ASP A 94 -12.46 3.71 5.19
N ILE A 95 -12.73 2.48 4.73
CA ILE A 95 -12.52 1.32 5.58
C ILE A 95 -11.12 0.74 5.40
N ASP A 96 -10.55 0.90 4.21
CA ASP A 96 -9.27 0.28 3.90
C ASP A 96 -8.15 1.14 4.47
N SER A 97 -7.59 0.71 5.61
CA SER A 97 -6.57 1.51 6.30
C SER A 97 -5.26 1.54 5.53
N ARG A 98 -5.02 0.53 4.70
CA ARG A 98 -3.87 0.52 3.82
C ARG A 98 -3.96 1.61 2.75
N LEU A 99 -5.17 2.07 2.42
CA LEU A 99 -5.34 2.90 1.24
C LEU A 99 -5.43 4.38 1.62
N ILE A 100 -5.89 4.67 2.84
CA ILE A 100 -5.84 6.04 3.36
C ILE A 100 -4.40 6.52 3.50
N HIS A 101 -3.46 5.60 3.70
CA HIS A 101 -2.03 5.92 3.62
C HIS A 101 -1.66 6.48 2.25
N SER A 102 -2.17 5.89 1.17
CA SER A 102 -1.91 6.45 -0.15
C SER A 102 -2.67 7.74 -0.40
N ALA A 103 -3.81 7.91 0.26
CA ALA A 103 -4.50 9.20 0.20
C ALA A 103 -3.67 10.32 0.85
N ARG A 104 -3.01 10.00 1.96
CA ARG A 104 -2.13 10.98 2.60
C ARG A 104 -0.85 11.20 1.80
N GLN A 105 -0.39 10.18 1.07
CA GLN A 105 0.68 10.41 0.10
C GLN A 105 0.23 11.42 -0.96
N ASN A 106 -1.03 11.31 -1.39
CA ASN A 106 -1.52 12.22 -2.42
C ASN A 106 -1.74 13.63 -1.86
N ILE A 107 -2.02 13.75 -0.56
CA ILE A 107 -2.14 15.10 0.00
C ILE A 107 -0.75 15.74 0.16
N ARG A 108 0.27 14.93 0.47
CA ARG A 108 1.60 15.53 0.55
C ARG A 108 2.21 15.75 -0.82
N HIS A 109 1.62 15.16 -1.86
CA HIS A 109 2.10 15.42 -3.21
C HIS A 109 1.86 16.86 -3.65
N TYR A 110 0.81 17.50 -3.13
CA TYR A 110 0.49 18.85 -3.61
C TYR A 110 1.43 19.89 -3.03
N LEU A 111 1.82 19.73 -1.76
CA LEU A 111 2.66 20.72 -1.08
C LEU A 111 4.03 20.81 -1.73
N SER A 112 4.57 19.69 -2.20
CA SER A 112 5.88 19.66 -2.83
C SER A 112 5.72 19.81 -4.34
N GLU A 113 5.32 21.02 -4.74
CA GLU A 113 5.36 21.40 -6.14
C GLU A 113 6.47 22.40 -6.38
N GLU A 114 7.12 22.87 -5.32
CA GLU A 114 8.30 23.72 -5.35
C GLU A 114 9.47 23.12 -6.13
N CYS A 142 12.25 19.23 -13.54
CA CYS A 142 11.47 18.03 -13.21
C CYS A 142 12.34 17.01 -12.47
N PHE A 143 11.69 16.10 -11.74
CA PHE A 143 12.39 15.09 -10.97
C PHE A 143 12.07 13.70 -11.49
N PRO A 144 13.05 12.79 -11.49
CA PRO A 144 12.82 11.45 -12.05
C PRO A 144 11.86 10.62 -11.20
N ALA A 145 10.97 9.91 -11.89
CA ALA A 145 9.92 9.14 -11.22
C ALA A 145 10.48 7.92 -10.51
N SER A 146 11.65 7.43 -10.93
CA SER A 146 12.30 6.31 -10.26
C SER A 146 12.70 6.66 -8.84
N LEU A 147 12.95 7.94 -8.59
CA LEU A 147 13.33 8.38 -7.26
C LEU A 147 12.10 8.65 -6.39
N THR A 148 11.08 9.28 -6.97
CA THR A 148 9.86 9.59 -6.21
C THR A 148 9.07 8.33 -5.88
N ALA A 149 9.26 7.27 -6.68
CA ALA A 149 8.63 6.00 -6.36
C ALA A 149 9.24 5.37 -5.11
N SER A 150 10.56 5.52 -4.95
CA SER A 150 11.23 4.78 -3.88
C SER A 150 11.29 5.60 -2.59
N ARG A 151 11.53 6.91 -2.70
CA ARG A 151 11.65 7.74 -1.50
C ARG A 151 10.28 8.07 -0.93
N GLY A 152 9.46 8.78 -1.69
CA GLY A 152 8.24 9.37 -1.22
C GLY A 152 8.20 10.80 -1.72
N PRO A 153 7.11 11.50 -1.48
CA PRO A 153 7.06 12.90 -1.91
C PRO A 153 7.90 13.77 -1.00
N ILE A 154 8.36 14.92 -1.50
CA ILE A 154 9.38 15.72 -0.83
C ILE A 154 8.84 16.28 0.48
N ALA A 155 7.66 16.88 0.43
CA ALA A 155 7.13 17.67 1.55
C ALA A 155 6.86 16.82 2.78
N ALA A 156 6.70 17.49 3.88
CA ALA A 156 6.43 16.91 5.18
C ALA A 156 4.94 17.08 5.52
N PRO A 157 4.38 16.25 6.39
CA PRO A 157 2.92 16.33 6.61
C PRO A 157 2.51 17.57 7.40
N GLN A 158 1.79 18.46 6.73
CA GLN A 158 1.56 19.83 7.18
C GLN A 158 0.74 19.85 8.46
N VAL A 159 1.40 20.21 9.57
CA VAL A 159 0.78 20.24 10.89
C VAL A 159 0.46 21.68 11.23
N PRO A 160 -0.72 21.98 11.79
CA PRO A 160 -1.05 23.37 12.10
C PRO A 160 -0.39 23.81 13.39
N LEU A 161 -0.14 25.12 13.48
CA LEU A 161 0.20 25.73 14.75
C LEU A 161 -1.06 25.88 15.59
N ASP A 162 -0.86 26.15 16.88
CA ASP A 162 -2.00 26.37 17.78
C ASP A 162 -2.76 27.64 17.41
N GLY A 163 -2.03 28.73 17.17
CA GLY A 163 -2.64 29.92 16.61
C GLY A 163 -2.40 29.97 15.11
N ALA A 164 -3.39 29.54 14.33
CA ALA A 164 -3.20 29.45 12.89
C ALA A 164 -4.54 29.64 12.20
N ASP A 165 -4.47 29.93 10.90
CA ASP A 165 -5.64 30.17 10.08
C ASP A 165 -6.00 28.92 9.29
N THR A 166 -7.19 28.39 9.52
CA THR A 166 -7.68 27.26 8.76
C THR A 166 -8.23 27.70 7.41
N SER A 167 -8.88 26.76 6.72
CA SER A 167 -9.53 26.95 5.42
C SER A 167 -8.54 27.42 4.35
N VAL A 168 -7.31 26.93 4.45
CA VAL A 168 -6.30 27.14 3.42
C VAL A 168 -5.88 25.76 2.91
N PHE A 169 -5.78 25.63 1.60
CA PHE A 169 -5.58 24.31 1.02
C PHE A 169 -4.10 23.91 1.05
N PRO A 170 -3.79 22.68 1.46
CA PRO A 170 -4.63 21.82 2.29
C PRO A 170 -4.26 21.94 3.75
N ASN A 171 -5.11 22.57 4.55
CA ASN A 171 -4.99 22.50 5.99
C ASN A 171 -6.30 22.08 6.63
N ASN A 172 -7.38 22.19 5.86
CA ASN A 172 -8.71 21.86 6.35
C ASN A 172 -8.95 20.35 6.38
N VAL A 173 -8.61 19.64 5.30
CA VAL A 173 -9.02 18.24 5.13
C VAL A 173 -8.20 17.32 6.02
N VAL A 174 -8.85 16.25 6.47
CA VAL A 174 -8.18 15.18 7.20
C VAL A 174 -8.84 13.88 6.75
N PHE A 175 -8.06 12.81 6.68
CA PHE A 175 -8.56 11.51 6.26
C PHE A 175 -8.55 10.55 7.44
N VAL A 176 -9.71 10.03 7.79
CA VAL A 176 -9.89 9.17 8.95
C VAL A 176 -10.25 7.79 8.45
N THR A 177 -9.70 6.75 9.06
CA THR A 177 -10.07 5.39 8.75
C THR A 177 -11.03 4.83 9.79
N GLY A 178 -12.18 4.36 9.34
CA GLY A 178 -13.14 3.76 10.23
C GLY A 178 -14.24 3.07 9.46
N ASN A 179 -15.09 2.36 10.20
CA ASN A 179 -16.21 1.62 9.62
C ASN A 179 -17.48 2.39 9.97
N TYR A 180 -18.28 2.73 8.95
CA TYR A 180 -19.37 3.67 9.17
C TYR A 180 -20.63 2.93 9.59
N VAL A 181 -20.71 1.64 9.35
CA VAL A 181 -21.88 0.86 9.74
C VAL A 181 -21.63 0.27 11.12
N LEU A 182 -22.36 0.77 12.12
CA LEU A 182 -22.08 0.40 13.50
C LEU A 182 -22.77 -0.90 13.90
N ASP A 183 -23.68 -1.39 13.05
CA ASP A 183 -24.40 -2.68 13.11
C ASP A 183 -25.43 -2.75 14.24
N ARG A 184 -25.62 -1.70 15.03
CA ARG A 184 -26.59 -1.71 16.13
C ARG A 184 -27.37 -0.41 16.12
N ASP A 185 -28.70 -0.52 16.19
CA ASP A 185 -29.55 0.67 16.14
C ASP A 185 -29.42 1.51 17.41
N ASP A 186 -29.09 0.87 18.53
CA ASP A 186 -28.92 1.60 19.79
C ASP A 186 -27.70 2.50 19.73
N LEU A 187 -26.66 2.09 19.01
CA LEU A 187 -25.49 2.96 18.84
C LEU A 187 -25.77 4.06 17.83
N VAL A 188 -26.66 3.80 16.88
CA VAL A 188 -27.06 4.83 15.91
C VAL A 188 -27.88 5.92 16.58
N GLU A 189 -28.76 5.53 17.52
CA GLU A 189 -29.65 6.49 18.16
C GLU A 189 -28.90 7.43 19.10
N ALA A 190 -27.71 7.03 19.55
CA ALA A 190 -26.96 7.83 20.51
C ALA A 190 -26.24 8.99 19.85
N GLN A 191 -26.10 8.96 18.52
CA GLN A 191 -25.21 9.89 17.83
C GLN A 191 -25.79 11.30 17.79
N THR A 192 -24.94 12.26 17.46
CA THR A 192 -25.22 13.69 17.44
C THR A 192 -24.93 14.28 16.06
N PRO A 193 -25.64 15.34 15.67
CA PRO A 193 -25.34 15.97 14.38
C PRO A 193 -24.07 16.80 14.42
N GLU A 194 -23.24 16.64 13.39
CA GLU A 194 -21.94 17.30 13.31
C GLU A 194 -21.61 17.93 11.97
N TYR A 195 -22.29 17.58 10.88
CA TYR A 195 -21.84 17.92 9.54
C TYR A 195 -22.90 18.67 8.78
N ASP A 196 -22.51 19.32 7.68
CA ASP A 196 -23.46 20.16 6.96
C ASP A 196 -23.85 19.53 5.62
N VAL A 197 -22.91 18.86 4.95
CA VAL A 197 -23.19 18.17 3.70
C VAL A 197 -22.52 16.81 3.78
N VAL A 198 -23.26 15.74 3.50
CA VAL A 198 -22.69 14.40 3.47
C VAL A 198 -22.76 13.89 2.03
N LEU A 199 -21.63 13.43 1.52
CA LEU A 199 -21.56 12.81 0.20
C LEU A 199 -21.51 11.31 0.35
N CYS A 200 -22.49 10.61 -0.23
CA CYS A 200 -22.52 9.14 -0.26
C CYS A 200 -22.83 8.72 -1.69
N LEU A 201 -21.80 8.60 -2.51
CA LEU A 201 -21.95 8.25 -3.92
C LEU A 201 -21.08 7.04 -4.23
N SER A 202 -21.64 6.11 -5.02
CA SER A 202 -21.00 4.87 -5.46
C SER A 202 -20.60 3.98 -4.28
N LEU A 203 -21.42 3.99 -3.24
CA LEU A 203 -21.18 3.22 -2.04
C LEU A 203 -22.26 2.18 -1.75
N THR A 204 -23.50 2.43 -2.19
CA THR A 204 -24.67 1.67 -1.74
C THR A 204 -24.58 0.19 -2.09
N LYS A 205 -23.96 -0.13 -3.24
CA LYS A 205 -23.85 -1.50 -3.69
C LYS A 205 -22.99 -2.35 -2.74
N TRP A 206 -21.84 -1.85 -2.34
CA TRP A 206 -20.89 -2.67 -1.59
C TRP A 206 -21.34 -2.84 -0.14
N VAL A 207 -21.82 -1.76 0.47
CA VAL A 207 -22.38 -1.85 1.83
C VAL A 207 -23.63 -2.71 1.82
N HIS A 208 -24.41 -2.62 0.74
CA HIS A 208 -25.62 -3.43 0.59
C HIS A 208 -25.30 -4.91 0.56
N LEU A 209 -24.39 -5.31 -0.33
CA LEU A 209 -24.05 -6.73 -0.47
C LEU A 209 -23.25 -7.25 0.73
N ASN A 210 -22.57 -6.37 1.46
CA ASN A 210 -21.78 -6.84 2.59
C ASN A 210 -22.55 -6.90 3.91
N TRP A 211 -23.59 -6.08 4.10
CA TRP A 211 -24.26 -6.05 5.39
C TRP A 211 -25.78 -6.09 5.29
N GLY A 212 -26.36 -6.42 4.13
CA GLY A 212 -27.80 -6.59 4.05
C GLY A 212 -28.58 -5.30 4.21
N ASP A 213 -29.91 -5.48 4.21
CA ASP A 213 -30.81 -4.37 4.45
C ASP A 213 -30.72 -3.89 5.90
N GLU A 214 -30.27 -4.77 6.81
CA GLU A 214 -30.03 -4.38 8.20
C GLU A 214 -28.92 -3.33 8.29
N GLY A 215 -27.74 -3.61 7.72
CA GLY A 215 -26.67 -2.63 7.76
C GLY A 215 -26.96 -1.42 6.90
N LEU A 216 -27.70 -1.59 5.81
CA LEU A 216 -28.03 -0.44 4.98
C LEU A 216 -28.99 0.50 5.69
N LYS A 217 -29.97 -0.04 6.41
CA LYS A 217 -30.86 0.77 7.24
C LYS A 217 -30.09 1.44 8.37
N ARG A 218 -29.09 0.73 8.94
CA ARG A 218 -28.25 1.32 9.97
C ARG A 218 -27.45 2.49 9.43
N MET A 219 -26.95 2.38 8.20
CA MET A 219 -26.15 3.46 7.62
C MET A 219 -27.00 4.67 7.29
N PHE A 220 -28.20 4.45 6.75
CA PHE A 220 -29.05 5.60 6.45
C PHE A 220 -29.60 6.26 7.71
N ARG A 221 -29.84 5.47 8.76
CA ARG A 221 -30.29 6.06 10.01
C ARG A 221 -29.15 6.81 10.70
N ARG A 222 -27.90 6.39 10.48
CA ARG A 222 -26.76 7.14 10.99
C ARG A 222 -26.56 8.44 10.22
N ILE A 223 -26.74 8.41 8.90
CA ILE A 223 -26.62 9.64 8.11
C ILE A 223 -27.71 10.63 8.49
N TYR A 224 -28.89 10.14 8.88
CA TYR A 224 -29.91 11.05 9.41
C TYR A 224 -29.50 11.66 10.75
N ARG A 225 -28.76 10.92 11.57
CA ARG A 225 -28.36 11.43 12.88
C ARG A 225 -27.19 12.39 12.83
N HIS A 226 -26.37 12.37 11.78
CA HIS A 226 -25.20 13.25 11.70
C HIS A 226 -25.41 14.52 10.88
N LEU A 227 -26.59 14.74 10.32
CA LEU A 227 -26.85 16.03 9.68
C LEU A 227 -27.44 17.02 10.68
N ARG A 228 -26.85 18.21 10.74
CA ARG A 228 -27.44 19.31 11.48
C ARG A 228 -28.67 19.83 10.73
N PRO A 229 -29.60 20.49 11.41
CA PRO A 229 -30.80 21.00 10.73
C PRO A 229 -30.48 22.03 9.65
N GLY A 230 -31.02 21.78 8.45
CA GLY A 230 -30.58 22.45 7.25
C GLY A 230 -29.53 21.70 6.48
N GLY A 231 -29.03 20.56 7.00
CA GLY A 231 -28.01 19.81 6.31
C GLY A 231 -28.58 18.79 5.35
N ILE A 232 -27.92 18.66 4.20
CA ILE A 232 -28.47 17.89 3.08
C ILE A 232 -27.69 16.60 2.91
N LEU A 233 -28.19 15.75 2.01
CA LEU A 233 -27.51 14.51 1.62
C LEU A 233 -27.50 14.39 0.12
N VAL A 234 -26.35 14.02 -0.44
CA VAL A 234 -26.20 13.76 -1.86
C VAL A 234 -26.06 12.25 -2.02
N LEU A 235 -26.68 11.69 -3.07
CA LEU A 235 -26.67 10.24 -3.27
C LEU A 235 -26.61 9.92 -4.75
N GLU A 236 -25.96 8.80 -5.07
CA GLU A 236 -25.96 8.24 -6.42
C GLU A 236 -25.86 6.73 -6.31
N PRO A 237 -26.97 6.00 -6.44
CA PRO A 237 -26.94 4.56 -6.18
C PRO A 237 -26.64 3.71 -7.42
N GLN A 238 -26.04 2.55 -7.19
CA GLN A 238 -25.80 1.61 -8.27
C GLN A 238 -27.11 0.90 -8.65
N PRO A 239 -27.35 0.63 -9.93
CA PRO A 239 -28.60 -0.02 -10.33
C PRO A 239 -28.64 -1.49 -9.92
N TRP A 240 -29.85 -2.07 -10.02
CA TRP A 240 -30.05 -3.46 -9.61
C TRP A 240 -29.37 -4.45 -10.56
N SER A 241 -29.21 -4.04 -11.83
CA SER A 241 -28.71 -4.95 -12.86
C SER A 241 -27.26 -5.35 -12.63
N SER A 242 -26.50 -4.54 -11.87
CA SER A 242 -25.07 -4.78 -11.74
C SER A 242 -24.76 -5.95 -10.81
N TYR A 243 -25.46 -6.02 -9.65
CA TYR A 243 -25.06 -6.75 -8.44
C TYR A 243 -24.72 -8.22 -8.70
N GLY A 244 -25.46 -8.82 -9.64
CA GLY A 244 -25.32 -10.25 -9.90
C GLY A 244 -23.98 -10.65 -10.47
N LYS A 245 -23.23 -9.70 -11.04
CA LYS A 245 -21.91 -10.08 -11.52
C LYS A 245 -20.89 -10.20 -10.39
N ARG A 246 -21.24 -9.81 -9.17
CA ARG A 246 -20.29 -9.84 -8.06
C ARG A 246 -20.70 -10.78 -6.95
N LYS A 247 -21.63 -11.71 -7.21
CA LYS A 247 -22.22 -12.49 -6.12
C LYS A 247 -21.30 -13.59 -5.60
N THR A 248 -20.39 -14.10 -6.44
CA THR A 248 -19.57 -15.24 -6.07
C THR A 248 -18.24 -14.87 -5.45
N LEU A 249 -18.09 -13.62 -4.98
CA LEU A 249 -16.82 -13.20 -4.41
C LEU A 249 -16.52 -13.90 -3.09
N THR A 250 -17.49 -13.89 -2.17
CA THR A 250 -17.38 -14.65 -0.93
C THR A 250 -18.71 -15.36 -0.68
N GLU A 251 -18.79 -16.04 0.46
CA GLU A 251 -20.02 -16.71 0.85
C GLU A 251 -21.04 -15.71 1.36
N THR A 252 -20.58 -14.73 2.15
CA THR A 252 -21.49 -13.78 2.81
C THR A 252 -22.15 -12.85 1.80
N ILE A 253 -21.41 -12.48 0.74
CA ILE A 253 -21.98 -11.65 -0.33
C ILE A 253 -23.09 -12.40 -1.04
N TYR A 254 -22.88 -13.69 -1.31
CA TYR A 254 -23.90 -14.51 -1.98
C TYR A 254 -25.14 -14.69 -1.11
N LYS A 255 -24.92 -14.96 0.18
CA LYS A 255 -26.05 -15.15 1.11
C LYS A 255 -26.86 -13.88 1.27
N ASN A 256 -26.19 -12.74 1.43
CA ASN A 256 -26.93 -11.48 1.58
C ASN A 256 -27.49 -11.00 0.24
N TYR A 257 -26.95 -11.48 -0.88
CA TYR A 257 -27.55 -11.18 -2.17
C TYR A 257 -28.84 -11.95 -2.37
N TYR A 258 -28.87 -13.20 -1.92
CA TYR A 258 -30.12 -13.94 -1.93
C TYR A 258 -31.01 -13.64 -0.73
N ARG A 259 -30.59 -12.73 0.15
CA ARG A 259 -31.45 -12.25 1.22
C ARG A 259 -31.91 -10.81 0.99
N ILE A 260 -31.68 -10.27 -0.22
CA ILE A 260 -32.15 -8.91 -0.53
C ILE A 260 -33.66 -8.88 -0.65
N GLN A 261 -34.28 -7.95 0.05
CA GLN A 261 -35.70 -7.65 -0.10
C GLN A 261 -35.95 -6.23 -0.60
N LEU A 262 -34.92 -5.39 -0.70
CA LEU A 262 -35.10 -3.98 -0.98
C LEU A 262 -34.43 -3.62 -2.30
N LYS A 263 -35.21 -3.04 -3.21
CA LYS A 263 -34.71 -2.67 -4.52
C LYS A 263 -34.11 -1.27 -4.48
N PRO A 264 -33.26 -0.92 -5.47
CA PRO A 264 -32.73 0.45 -5.51
C PRO A 264 -33.77 1.55 -5.75
N GLU A 265 -34.94 1.20 -6.28
CA GLU A 265 -35.97 2.22 -6.45
C GLU A 265 -36.58 2.64 -5.12
N GLN A 266 -36.94 1.67 -4.27
CA GLN A 266 -37.65 1.96 -3.03
C GLN A 266 -36.78 2.67 -1.99
N PHE A 267 -35.48 2.84 -2.26
CA PHE A 267 -34.65 3.80 -1.53
C PHE A 267 -35.34 5.15 -1.43
N SER A 268 -35.87 5.65 -2.56
CA SER A 268 -36.57 6.93 -2.57
C SER A 268 -37.83 6.88 -1.72
N SER A 269 -38.40 5.69 -1.53
CA SER A 269 -39.47 5.56 -0.55
C SER A 269 -38.91 5.50 0.87
N TYR A 270 -37.85 4.69 1.08
CA TYR A 270 -37.47 4.31 2.44
C TYR A 270 -36.85 5.48 3.20
N LEU A 271 -36.18 6.38 2.48
CA LEU A 271 -35.63 7.56 3.13
C LEU A 271 -36.72 8.58 3.43
N THR A 272 -37.82 8.52 2.69
CA THR A 272 -38.95 9.40 2.99
C THR A 272 -39.76 8.86 4.17
N SER A 273 -39.64 7.55 4.42
CA SER A 273 -40.39 6.88 5.47
C SER A 273 -39.99 7.40 6.84
N PRO A 274 -40.89 7.38 7.84
CA PRO A 274 -40.56 7.89 9.18
C PRO A 274 -39.48 7.12 9.94
N ASP A 275 -39.11 5.92 9.46
CA ASP A 275 -38.04 5.18 10.12
C ASP A 275 -36.70 5.87 9.97
N VAL A 276 -36.51 6.65 8.90
CA VAL A 276 -35.33 7.49 8.74
C VAL A 276 -35.64 8.95 9.04
N GLY A 277 -36.52 9.56 8.24
CA GLY A 277 -37.03 10.87 8.56
C GLY A 277 -36.62 12.03 7.66
N PHE A 278 -36.09 11.76 6.47
CA PHE A 278 -35.82 12.86 5.53
C PHE A 278 -37.12 13.45 5.02
N SER A 279 -37.13 14.76 4.85
CA SER A 279 -38.37 15.51 4.64
C SER A 279 -38.75 15.67 3.17
N SER A 280 -37.80 15.96 2.29
CA SER A 280 -38.14 16.21 0.90
C SER A 280 -36.93 15.89 0.05
N TYR A 281 -37.16 15.69 -1.24
CA TYR A 281 -36.08 15.23 -2.09
C TYR A 281 -36.30 15.69 -3.52
N GLU A 282 -35.24 15.61 -4.31
CA GLU A 282 -35.30 15.91 -5.73
C GLU A 282 -34.18 15.18 -6.45
N LEU A 283 -34.30 15.04 -7.76
CA LEU A 283 -33.23 14.51 -8.59
C LEU A 283 -32.94 15.52 -9.70
N VAL A 284 -31.66 15.89 -9.84
CA VAL A 284 -31.22 16.84 -10.86
C VAL A 284 -30.02 16.24 -11.56
N ALA A 285 -30.08 16.20 -12.89
CA ALA A 285 -28.97 15.70 -13.69
C ALA A 285 -27.99 16.82 -13.99
N ARG A 296 -26.29 7.28 -14.34
CA ARG A 296 -26.66 7.16 -12.94
C ARG A 296 -27.27 8.46 -12.42
N PRO A 297 -28.30 8.36 -11.58
CA PRO A 297 -28.98 9.58 -11.12
C PRO A 297 -28.28 10.24 -9.94
N VAL A 298 -28.65 11.49 -9.67
CA VAL A 298 -28.10 12.25 -8.55
C VAL A 298 -29.28 12.73 -7.70
N TYR A 299 -29.29 12.34 -6.44
CA TYR A 299 -30.41 12.60 -5.56
C TYR A 299 -29.98 13.57 -4.48
N LEU A 300 -30.83 14.55 -4.19
CA LEU A 300 -30.58 15.53 -3.14
C LEU A 300 -31.71 15.45 -2.13
N PHE A 301 -31.35 15.19 -0.87
CA PHE A 301 -32.29 14.97 0.21
C PHE A 301 -32.11 16.12 1.19
N HIS A 302 -33.21 16.73 1.62
CA HIS A 302 -33.12 17.83 2.59
C HIS A 302 -33.73 17.40 3.91
N LYS A 303 -32.99 17.60 4.99
CA LYS A 303 -33.61 17.51 6.30
C LYS A 303 -34.45 18.77 6.53
N ALA A 304 -35.49 18.64 7.35
CA ALA A 304 -36.44 19.72 7.60
C ALA A 304 -35.76 20.92 8.26
N ARG A 305 -36.19 22.11 7.86
CA ARG A 305 -35.52 23.35 8.25
C ARG A 305 -35.76 23.65 9.73
N SER A 306 -34.67 24.06 10.40
CA SER A 306 -34.64 24.44 11.82
C SER A 306 -35.20 23.38 12.76
N SER B 30 20.38 -19.67 -43.07
CA SER B 30 19.95 -20.88 -42.38
C SER B 30 19.61 -20.60 -40.93
N ARG B 31 18.69 -21.38 -40.37
CA ARG B 31 18.32 -21.20 -38.96
C ARG B 31 19.42 -21.70 -38.04
N VAL B 32 20.13 -22.75 -38.44
CA VAL B 32 21.25 -23.26 -37.65
C VAL B 32 22.37 -22.24 -37.61
N LYS B 33 22.59 -21.54 -38.72
CA LYS B 33 23.54 -20.42 -38.78
C LYS B 33 23.15 -19.30 -37.81
N GLN B 34 21.85 -19.01 -37.73
CA GLN B 34 21.38 -17.96 -36.83
C GLN B 34 21.51 -18.38 -35.36
N VAL B 35 21.32 -19.67 -35.08
CA VAL B 35 21.48 -20.16 -33.72
C VAL B 35 22.96 -20.15 -33.31
N LEU B 36 23.85 -20.51 -34.25
CA LEU B 36 25.29 -20.38 -34.00
C LEU B 36 25.69 -18.93 -33.75
N ALA B 37 25.10 -17.99 -34.51
CA ALA B 37 25.37 -16.57 -34.31
C ALA B 37 24.85 -16.09 -32.96
N ASP B 38 23.67 -16.56 -32.52
CA ASP B 38 23.13 -16.20 -31.22
C ASP B 38 23.96 -16.74 -30.07
N ILE B 39 24.47 -17.97 -30.20
CA ILE B 39 25.37 -18.52 -29.20
C ILE B 39 26.66 -17.71 -29.14
N ALA B 40 27.19 -17.34 -30.32
CA ALA B 40 28.39 -16.50 -30.39
C ALA B 40 28.18 -15.14 -29.74
N LYS B 41 27.02 -14.52 -29.96
CA LYS B 41 26.74 -13.21 -29.38
C LYS B 41 26.57 -13.29 -27.86
N GLN B 42 25.86 -14.33 -27.39
CA GLN B 42 25.68 -14.46 -25.94
C GLN B 42 26.97 -14.77 -25.22
N VAL B 43 27.85 -15.58 -25.82
CA VAL B 43 29.13 -15.86 -25.18
C VAL B 43 30.05 -14.65 -25.25
N ASP B 44 30.04 -13.92 -26.37
CA ASP B 44 30.85 -12.71 -26.48
C ASP B 44 30.34 -11.56 -25.62
N PHE B 45 29.06 -11.57 -25.25
CA PHE B 45 28.57 -10.60 -24.28
C PHE B 45 28.90 -11.02 -22.86
N TRP B 46 28.73 -12.31 -22.53
CA TRP B 46 29.06 -12.80 -21.19
C TRP B 46 30.56 -12.73 -20.93
N PHE B 47 31.38 -12.66 -21.99
CA PHE B 47 32.80 -12.44 -21.86
C PHE B 47 33.26 -11.05 -22.31
N GLY B 48 32.33 -10.16 -22.64
CA GLY B 48 32.70 -8.78 -22.90
C GLY B 48 33.14 -8.08 -21.61
N ASP B 49 33.82 -6.95 -21.77
CA ASP B 49 34.34 -6.15 -20.66
C ASP B 49 33.25 -5.72 -19.68
N ALA B 50 32.10 -5.28 -20.23
CA ALA B 50 30.96 -4.81 -19.46
C ALA B 50 30.46 -5.83 -18.44
N ASN B 51 30.02 -6.99 -18.93
CA ASN B 51 29.41 -7.97 -18.06
C ASN B 51 30.44 -8.62 -17.12
N LEU B 52 31.71 -8.63 -17.54
CA LEU B 52 32.75 -9.11 -16.65
C LEU B 52 33.03 -8.10 -15.54
N HIS B 53 32.85 -6.81 -15.80
CA HIS B 53 33.02 -5.83 -14.72
C HIS B 53 31.82 -5.81 -13.79
N LYS B 54 30.61 -5.97 -14.33
CA LYS B 54 29.43 -5.87 -13.49
C LYS B 54 29.14 -7.16 -12.73
N ASP B 55 28.98 -8.29 -13.44
CA ASP B 55 28.62 -9.54 -12.80
C ASP B 55 29.79 -10.12 -11.98
N ARG B 56 29.47 -10.63 -10.80
CA ARG B 56 30.49 -11.14 -9.90
C ARG B 56 30.59 -12.66 -9.97
N PHE B 57 29.46 -13.34 -10.20
CA PHE B 57 29.40 -14.80 -10.19
C PHE B 57 30.28 -15.44 -11.26
N LEU B 58 30.11 -15.03 -12.52
CA LEU B 58 30.90 -15.61 -13.60
C LEU B 58 32.37 -15.18 -13.51
N ARG B 59 32.62 -13.99 -12.96
CA ARG B 59 34.00 -13.56 -12.72
C ARG B 59 34.66 -14.39 -11.63
N GLU B 60 33.88 -14.86 -10.65
CA GLU B 60 34.39 -15.80 -9.67
C GLU B 60 34.59 -17.18 -10.28
N GLN B 61 33.73 -17.56 -11.22
CA GLN B 61 33.90 -18.81 -11.95
C GLN B 61 35.19 -18.79 -12.76
N ILE B 62 35.54 -17.64 -13.34
CA ILE B 62 36.82 -17.50 -14.04
C ILE B 62 37.98 -17.50 -13.06
N GLU B 63 37.84 -16.74 -11.96
CA GLU B 63 38.96 -16.52 -11.05
C GLU B 63 39.30 -17.77 -10.25
N LYS B 64 38.29 -18.57 -9.90
CA LYS B 64 38.52 -19.78 -9.11
C LYS B 64 38.77 -20.98 -10.03
N SER B 65 39.83 -20.85 -10.83
CA SER B 65 40.27 -21.90 -11.74
C SER B 65 41.76 -21.71 -11.97
N ARG B 66 42.39 -22.77 -12.49
CA ARG B 66 43.82 -22.77 -12.89
C ARG B 66 43.86 -22.58 -14.41
N ASP B 67 44.56 -21.53 -14.86
CA ASP B 67 44.75 -21.10 -16.29
C ASP B 67 43.50 -20.34 -16.79
N GLY B 68 42.59 -19.99 -15.88
CA GLY B 68 41.37 -19.21 -16.20
C GLY B 68 40.40 -19.93 -17.12
N TYR B 69 39.81 -21.05 -16.68
CA TYR B 69 38.80 -21.71 -17.50
C TYR B 69 37.43 -21.96 -16.89
N VAL B 70 36.49 -22.45 -17.70
CA VAL B 70 35.20 -22.92 -17.21
C VAL B 70 34.63 -23.86 -18.26
N ASP B 71 33.93 -24.89 -17.80
CA ASP B 71 33.31 -25.85 -18.71
C ASP B 71 32.06 -25.24 -19.35
N ILE B 72 31.77 -25.70 -20.57
CA ILE B 72 30.60 -25.23 -21.30
C ILE B 72 29.29 -25.71 -20.68
N SER B 73 29.34 -26.82 -19.93
CA SER B 73 28.15 -27.34 -19.25
C SER B 73 27.64 -26.36 -18.18
N LEU B 74 28.56 -25.60 -17.58
CA LEU B 74 28.16 -24.50 -16.70
C LEU B 74 27.43 -23.42 -17.49
N LEU B 75 27.89 -23.14 -18.72
CA LEU B 75 27.26 -22.10 -19.53
C LEU B 75 25.90 -22.53 -20.05
N VAL B 76 25.67 -23.84 -20.17
CA VAL B 76 24.37 -24.34 -20.60
C VAL B 76 23.32 -24.07 -19.53
N SER B 77 23.70 -24.11 -18.26
CA SER B 77 22.76 -24.00 -17.14
C SER B 77 22.14 -22.62 -17.00
N PHE B 78 22.65 -21.60 -17.70
CA PHE B 78 22.10 -20.27 -17.58
C PHE B 78 20.78 -20.18 -18.34
N ASN B 79 19.97 -19.18 -17.98
CA ASN B 79 18.57 -19.15 -18.41
C ASN B 79 18.40 -18.86 -19.89
N LYS B 80 19.20 -17.95 -20.43
CA LYS B 80 19.02 -17.57 -21.83
C LYS B 80 19.68 -18.56 -22.77
N MET B 81 20.65 -19.34 -22.29
CA MET B 81 21.25 -20.40 -23.09
C MET B 81 20.27 -21.55 -23.31
N LYS B 82 19.33 -21.75 -22.38
CA LYS B 82 18.38 -22.86 -22.47
C LYS B 82 17.44 -22.72 -23.66
N LYS B 83 17.12 -21.48 -24.05
CA LYS B 83 16.20 -21.28 -25.17
C LYS B 83 16.85 -21.59 -26.51
N LEU B 84 18.18 -21.55 -26.59
CA LEU B 84 18.86 -21.72 -27.86
C LEU B 84 19.27 -23.17 -28.15
N THR B 85 20.14 -23.73 -27.33
CA THR B 85 20.78 -25.02 -27.61
C THR B 85 21.13 -25.68 -26.28
N THR B 86 21.05 -27.01 -26.25
CA THR B 86 21.55 -27.79 -25.13
C THR B 86 22.78 -28.63 -25.47
N ASP B 87 23.19 -28.67 -26.73
CA ASP B 87 24.38 -29.41 -27.14
C ASP B 87 25.62 -28.55 -26.97
N GLY B 88 26.61 -29.06 -26.24
CA GLY B 88 27.83 -28.31 -26.02
C GLY B 88 28.79 -28.33 -27.19
N LYS B 89 28.76 -29.38 -27.99
CA LYS B 89 29.64 -29.43 -29.17
C LYS B 89 29.20 -28.44 -30.24
N LEU B 90 27.90 -28.18 -30.34
CA LEU B 90 27.43 -27.15 -31.27
C LEU B 90 27.81 -25.76 -30.75
N ILE B 91 27.89 -25.58 -29.44
CA ILE B 91 28.42 -24.35 -28.86
C ILE B 91 29.89 -24.19 -29.20
N ALA B 92 30.66 -25.29 -29.09
CA ALA B 92 32.09 -25.24 -29.44
C ALA B 92 32.30 -24.99 -30.91
N ARG B 93 31.38 -25.47 -31.75
CA ARG B 93 31.42 -25.13 -33.17
C ARG B 93 31.04 -23.66 -33.39
N ALA B 94 30.15 -23.13 -32.55
CA ALA B 94 29.78 -21.72 -32.66
C ALA B 94 30.91 -20.79 -32.25
N LEU B 95 31.87 -21.27 -31.47
CA LEU B 95 32.97 -20.45 -30.98
C LEU B 95 34.26 -20.67 -31.77
N ARG B 96 34.16 -21.17 -33.00
CA ARG B 96 35.34 -21.27 -33.86
C ARG B 96 35.76 -19.90 -34.36
N SER B 97 34.86 -19.20 -35.04
CA SER B 97 35.09 -17.84 -35.51
C SER B 97 34.51 -16.88 -34.47
N SER B 98 35.39 -16.21 -33.73
CA SER B 98 34.96 -15.43 -32.58
C SER B 98 36.02 -14.39 -32.25
N ALA B 99 35.59 -13.20 -31.83
CA ALA B 99 36.54 -12.14 -31.54
C ALA B 99 37.30 -12.41 -30.25
N VAL B 100 36.60 -12.45 -29.12
CA VAL B 100 37.26 -12.60 -27.83
C VAL B 100 36.60 -13.79 -27.10
N VAL B 101 37.12 -14.98 -27.39
CA VAL B 101 37.02 -16.22 -26.62
C VAL B 101 38.00 -17.18 -27.30
N GLU B 102 38.51 -18.18 -26.58
CA GLU B 102 39.35 -19.18 -27.23
C GLU B 102 39.07 -20.53 -26.61
N LEU B 103 39.53 -21.58 -27.30
CA LEU B 103 39.31 -22.95 -26.87
C LEU B 103 40.66 -23.63 -26.75
N ASP B 104 40.78 -24.55 -25.78
CA ASP B 104 42.09 -25.12 -25.53
C ASP B 104 42.35 -26.44 -26.25
N LEU B 105 41.65 -27.52 -25.92
CA LEU B 105 41.86 -28.78 -26.63
C LEU B 105 40.59 -29.43 -27.14
N GLU B 106 39.59 -29.62 -26.27
CA GLU B 106 38.52 -30.58 -26.55
C GLU B 106 37.23 -29.94 -27.04
N GLY B 107 37.12 -28.62 -26.99
CA GLY B 107 35.82 -28.02 -27.22
C GLY B 107 34.87 -28.19 -26.06
N THR B 108 35.40 -28.34 -24.85
CA THR B 108 34.59 -28.41 -23.64
C THR B 108 34.89 -27.29 -22.66
N ARG B 109 36.00 -26.57 -22.85
CA ARG B 109 36.39 -25.47 -21.99
C ARG B 109 36.75 -24.27 -22.86
N ILE B 110 36.47 -23.08 -22.34
CA ILE B 110 36.67 -21.82 -23.05
C ILE B 110 37.29 -20.81 -22.10
N ARG B 111 38.27 -20.05 -22.61
CA ARG B 111 39.01 -19.08 -21.83
C ARG B 111 38.82 -17.69 -22.45
N ARG B 112 39.13 -16.65 -21.67
CA ARG B 112 38.82 -15.28 -22.03
C ARG B 112 39.57 -14.78 -23.28
N LYS B 113 40.85 -15.18 -23.44
CA LYS B 113 41.80 -14.89 -24.52
C LYS B 113 42.39 -13.48 -24.43
N LYS B 114 41.90 -12.64 -23.51
CA LYS B 114 42.51 -11.32 -23.37
C LYS B 114 42.43 -10.86 -21.92
N PRO B 115 43.58 -10.64 -21.26
CA PRO B 115 43.57 -10.45 -19.81
C PRO B 115 42.91 -9.13 -19.38
N LEU B 116 42.21 -9.20 -18.25
CA LEU B 116 41.37 -8.11 -17.76
C LEU B 116 42.06 -7.40 -16.60
N GLY B 117 41.92 -6.08 -16.55
CA GLY B 117 42.53 -5.31 -15.48
C GLY B 117 41.54 -4.55 -14.61
N GLU B 118 41.80 -3.27 -14.39
CA GLU B 118 40.96 -2.47 -13.51
C GLU B 118 39.72 -1.98 -14.23
N ARG B 119 38.71 -1.60 -13.45
CA ARG B 119 37.49 -1.04 -14.00
C ARG B 119 37.75 0.35 -14.60
N PRO B 120 37.21 0.62 -15.78
CA PRO B 120 37.35 1.95 -16.40
C PRO B 120 36.60 3.01 -15.60
N LYS B 121 37.16 4.23 -15.57
CA LYS B 121 36.49 5.34 -14.91
C LYS B 121 35.50 6.03 -15.86
N ASP B 122 35.74 5.94 -17.16
CA ASP B 122 34.97 6.72 -18.13
C ASP B 122 33.56 6.17 -18.32
N GLU B 123 33.30 4.93 -17.88
CA GLU B 123 31.98 4.32 -18.08
C GLU B 123 30.91 5.02 -17.26
N ASP B 124 31.28 5.61 -16.12
CA ASP B 124 30.31 6.34 -15.30
C ASP B 124 29.87 7.62 -16.00
N GLU B 125 30.75 8.22 -16.80
CA GLU B 125 30.35 9.35 -17.62
C GLU B 125 29.62 8.89 -18.87
N ARG B 126 29.96 7.69 -19.36
CA ARG B 126 29.37 7.21 -20.61
C ARG B 126 27.96 6.69 -20.41
N THR B 127 27.58 6.38 -19.17
CA THR B 127 26.30 5.74 -18.88
C THR B 127 25.14 6.69 -19.16
N VAL B 128 24.02 6.15 -19.63
CA VAL B 128 22.83 6.93 -19.97
C VAL B 128 21.65 6.38 -19.19
N TYR B 129 20.89 7.27 -18.55
CA TYR B 129 19.66 6.93 -17.85
C TYR B 129 18.45 7.29 -18.71
N VAL B 130 17.51 6.34 -18.80
CA VAL B 130 16.32 6.55 -19.61
C VAL B 130 15.09 6.23 -18.76
N GLU B 131 14.00 6.95 -19.03
CA GLU B 131 12.80 6.91 -18.22
C GLU B 131 11.61 6.63 -19.16
N LEU B 132 10.46 6.30 -18.57
CA LEU B 132 9.17 6.09 -19.27
C LEU B 132 9.26 4.96 -20.29
N LEU B 133 9.50 3.76 -19.79
CA LEU B 133 9.50 2.58 -20.64
C LEU B 133 8.07 2.14 -20.93
N PRO B 134 7.82 1.46 -22.07
CA PRO B 134 6.45 1.00 -22.38
C PRO B 134 6.00 -0.25 -21.63
N LYS B 135 6.80 -0.70 -20.65
CA LYS B 135 6.52 -1.85 -19.78
C LYS B 135 6.30 -3.14 -20.56
N ASN B 136 7.29 -3.50 -21.38
CA ASN B 136 7.29 -4.74 -22.14
C ASN B 136 8.68 -5.35 -22.10
N VAL B 137 9.43 -5.00 -21.05
CA VAL B 137 10.89 -4.98 -20.96
C VAL B 137 11.60 -6.22 -21.51
N ASN B 138 12.58 -5.98 -22.37
CA ASN B 138 13.35 -7.01 -23.02
C ASN B 138 14.71 -6.37 -23.30
N HIS B 139 15.77 -7.17 -23.22
CA HIS B 139 17.09 -6.66 -23.58
C HIS B 139 17.16 -6.31 -25.05
N SER B 140 16.48 -7.11 -25.90
CA SER B 140 16.44 -6.83 -27.33
C SER B 140 15.61 -5.58 -27.64
N TRP B 141 14.63 -5.28 -26.79
CA TRP B 141 13.79 -4.09 -26.93
C TRP B 141 14.62 -2.81 -26.95
N ILE B 142 15.54 -2.69 -25.99
CA ILE B 142 16.41 -1.53 -25.88
C ILE B 142 17.46 -1.54 -26.98
N GLU B 143 17.96 -2.72 -27.32
CA GLU B 143 19.00 -2.86 -28.35
C GLU B 143 18.50 -2.44 -29.72
N ARG B 144 17.25 -2.77 -30.06
CA ARG B 144 16.64 -2.28 -31.28
C ARG B 144 16.52 -0.75 -31.31
N VAL B 145 16.02 -0.14 -30.22
CA VAL B 145 15.68 1.27 -30.27
C VAL B 145 16.93 2.15 -30.14
N PHE B 146 18.00 1.62 -29.53
CA PHE B 146 19.20 2.43 -29.33
C PHE B 146 20.39 2.00 -30.18
N GLY B 147 20.30 0.86 -30.89
CA GLY B 147 21.46 0.34 -31.59
C GLY B 147 21.86 1.17 -32.79
N LYS B 148 20.89 1.83 -33.43
CA LYS B 148 21.19 2.68 -34.58
C LYS B 148 21.96 3.92 -34.15
N CYS B 149 21.70 4.42 -32.94
CA CYS B 149 22.40 5.61 -32.46
C CYS B 149 23.83 5.30 -32.08
N GLY B 150 24.05 4.22 -31.34
CA GLY B 150 25.38 3.88 -30.89
C GLY B 150 25.49 2.40 -30.57
N ASN B 151 26.74 1.98 -30.36
CA ASN B 151 27.02 0.59 -29.99
C ASN B 151 26.62 0.37 -28.54
N VAL B 152 25.46 -0.24 -28.32
CA VAL B 152 24.99 -0.54 -26.96
C VAL B 152 25.77 -1.73 -26.43
N VAL B 153 26.33 -1.61 -25.23
CA VAL B 153 27.21 -2.62 -24.69
C VAL B 153 26.58 -3.34 -23.51
N TYR B 154 25.89 -2.62 -22.62
CA TYR B 154 25.34 -3.22 -21.43
C TYR B 154 24.02 -2.54 -21.10
N ILE B 155 23.08 -3.33 -20.58
CA ILE B 155 21.75 -2.86 -20.22
C ILE B 155 21.49 -3.29 -18.79
N SER B 156 20.84 -2.41 -18.01
CA SER B 156 20.38 -2.76 -16.67
C SER B 156 18.90 -2.45 -16.57
N ILE B 157 18.10 -3.48 -16.27
CA ILE B 157 16.63 -3.31 -16.09
C ILE B 157 16.26 -3.90 -14.72
N PRO B 158 15.78 -3.09 -13.74
CA PRO B 158 15.45 -3.60 -12.42
C PRO B 158 14.04 -4.20 -12.37
N HIS B 159 13.95 -5.50 -12.04
CA HIS B 159 12.66 -6.23 -11.96
C HIS B 159 11.89 -5.87 -10.70
N TYR B 160 10.55 -5.85 -10.79
CA TYR B 160 9.66 -5.51 -9.65
C TYR B 160 9.76 -6.57 -8.56
N LYS B 161 10.84 -6.54 -7.77
CA LYS B 161 10.98 -7.49 -6.63
C LYS B 161 10.72 -8.95 -7.03
N SER B 162 11.32 -9.39 -8.14
CA SER B 162 11.21 -10.77 -8.70
C SER B 162 9.77 -11.11 -9.12
N THR B 163 8.98 -10.11 -9.53
CA THR B 163 7.59 -10.36 -10.01
C THR B 163 7.62 -10.34 -11.55
N GLY B 164 8.81 -10.29 -12.14
CA GLY B 164 8.99 -10.30 -13.61
C GLY B 164 8.34 -9.11 -14.28
N ASP B 165 8.34 -7.94 -13.62
CA ASP B 165 7.74 -6.71 -14.21
C ASP B 165 8.80 -5.62 -14.26
N PRO B 166 8.97 -4.89 -15.38
CA PRO B 166 9.95 -3.81 -15.44
C PRO B 166 9.47 -2.69 -14.52
N LYS B 167 10.38 -2.04 -13.77
CA LYS B 167 9.99 -0.96 -12.85
C LYS B 167 9.54 0.27 -13.64
N GLY B 168 10.10 0.45 -14.83
CA GLY B 168 9.76 1.55 -15.73
C GLY B 168 10.91 2.46 -16.10
N PHE B 169 12.16 2.10 -15.81
CA PHE B 169 13.32 2.92 -16.11
C PHE B 169 14.50 2.00 -16.38
N ALA B 170 15.51 2.49 -17.10
CA ALA B 170 16.60 1.62 -17.52
C ALA B 170 17.92 2.37 -17.56
N PHE B 171 19.02 1.62 -17.47
CA PHE B 171 20.36 2.18 -17.63
C PHE B 171 21.06 1.54 -18.82
N VAL B 172 21.36 2.34 -19.84
CA VAL B 172 21.96 1.86 -21.07
C VAL B 172 23.36 2.42 -21.16
N GLU B 173 24.34 1.56 -21.41
CA GLU B 173 25.73 2.00 -21.51
C GLU B 173 26.17 2.02 -22.97
N PHE B 174 26.60 3.19 -23.43
CA PHE B 174 27.13 3.36 -24.78
C PHE B 174 28.65 3.31 -24.74
N GLU B 175 29.26 3.17 -25.91
CA GLU B 175 30.71 3.02 -25.97
C GLU B 175 31.37 4.33 -26.40
N THR B 176 32.58 4.56 -25.87
CA THR B 176 33.53 5.64 -26.18
C THR B 176 33.05 7.05 -25.83
N LYS B 177 31.88 7.16 -25.18
CA LYS B 177 31.39 8.36 -24.49
C LYS B 177 30.99 9.50 -25.44
N GLU B 178 31.21 9.36 -26.74
CA GLU B 178 30.73 10.35 -27.69
C GLU B 178 29.38 9.97 -28.24
N GLN B 179 29.17 8.67 -28.44
CA GLN B 179 27.87 8.19 -28.94
C GLN B 179 26.78 8.36 -27.89
N ALA B 180 27.14 8.34 -26.61
CA ALA B 180 26.18 8.60 -25.56
C ALA B 180 25.71 10.04 -25.58
N ALA B 181 26.65 10.98 -25.74
CA ALA B 181 26.30 12.39 -25.86
C ALA B 181 25.54 12.66 -27.16
N LYS B 182 25.78 11.86 -28.19
CA LYS B 182 24.98 11.95 -29.40
C LYS B 182 23.55 11.46 -29.15
N ALA B 183 23.41 10.34 -28.43
CA ALA B 183 22.10 9.72 -28.25
C ALA B 183 21.23 10.53 -27.29
N ILE B 184 21.86 11.28 -26.39
CA ILE B 184 21.11 12.23 -25.56
C ILE B 184 20.43 13.28 -26.45
N GLU B 185 21.16 13.79 -27.44
CA GLU B 185 20.58 14.77 -28.36
C GLU B 185 19.60 14.11 -29.33
N PHE B 186 19.80 12.82 -29.62
CA PHE B 186 18.95 12.13 -30.59
C PHE B 186 17.54 11.92 -30.04
N LEU B 187 17.39 11.88 -28.73
CA LEU B 187 16.07 11.72 -28.12
C LEU B 187 15.92 12.62 -26.90
N LEU B 274 11.71 7.49 -22.90
CA LEU B 274 11.49 8.64 -23.77
C LEU B 274 12.12 9.89 -23.17
N ARG B 275 12.52 9.82 -21.91
CA ARG B 275 13.23 10.90 -21.23
C ARG B 275 14.65 10.44 -20.98
N VAL B 276 15.61 11.16 -21.57
CA VAL B 276 16.99 10.73 -21.63
C VAL B 276 17.86 11.74 -20.91
N LEU B 277 18.70 11.27 -19.99
CA LEU B 277 19.67 12.13 -19.35
C LEU B 277 20.91 11.34 -18.96
N SER B 278 21.93 12.07 -18.49
CA SER B 278 23.20 11.46 -18.13
C SER B 278 23.11 10.76 -16.79
N LYS B 279 24.23 10.14 -16.39
CA LYS B 279 24.32 9.55 -15.07
C LYS B 279 24.66 10.61 -14.02
N SER B 280 25.57 11.53 -14.35
CA SER B 280 25.99 12.55 -13.39
C SER B 280 24.86 13.53 -13.10
N GLU B 281 24.08 13.89 -14.12
CA GLU B 281 22.93 14.76 -13.92
C GLU B 281 21.87 14.07 -13.05
N TRP B 282 21.68 12.76 -13.25
CA TRP B 282 20.79 12.00 -12.39
C TRP B 282 21.28 11.98 -10.96
N MET B 283 22.59 11.84 -10.76
CA MET B 283 23.12 11.80 -9.40
C MET B 283 22.99 13.16 -8.71
N ASP B 284 23.13 14.24 -9.48
CA ASP B 284 22.98 15.58 -8.92
C ASP B 284 21.52 15.88 -8.57
N LEU B 285 20.58 15.44 -9.42
CA LEU B 285 19.17 15.59 -9.09
C LEU B 285 18.80 14.73 -7.88
N LYS B 286 19.45 13.57 -7.74
CA LYS B 286 19.18 12.72 -6.59
C LYS B 286 19.67 13.38 -5.31
N LYS B 287 20.82 14.03 -5.36
CA LYS B 287 21.34 14.70 -4.16
C LYS B 287 20.50 15.93 -3.80
N GLU B 288 20.04 16.67 -4.82
CA GLU B 288 19.17 17.83 -4.58
C GLU B 288 17.84 17.42 -3.97
N TYR B 289 17.23 16.35 -4.51
CA TYR B 289 15.99 15.80 -3.97
C TYR B 289 16.15 15.36 -2.53
N LEU B 290 17.24 14.65 -2.24
CA LEU B 290 17.43 14.11 -0.91
C LEU B 290 17.69 15.22 0.11
N ALA B 291 18.41 16.27 -0.31
CA ALA B 291 18.67 17.41 0.57
C ALA B 291 17.41 18.21 0.86
N LEU B 292 16.55 18.40 -0.16
CA LEU B 292 15.30 19.12 0.06
C LEU B 292 14.37 18.37 1.00
N GLN B 293 14.29 17.05 0.86
CA GLN B 293 13.45 16.28 1.79
C GLN B 293 14.03 16.31 3.20
N LYS B 294 15.37 16.28 3.33
CA LYS B 294 15.97 16.38 4.65
C LYS B 294 15.72 17.73 5.32
N ALA B 295 15.71 18.81 4.55
CA ALA B 295 15.41 20.13 5.09
C ALA B 295 13.97 20.27 5.55
N SER B 296 13.02 19.81 4.72
CA SER B 296 11.61 19.89 5.09
C SER B 296 11.31 19.05 6.32
N MET B 297 11.88 17.84 6.39
CA MET B 297 11.63 17.01 7.56
C MET B 297 12.35 17.53 8.80
N ALA B 298 13.48 18.23 8.63
CA ALA B 298 14.14 18.82 9.79
C ALA B 298 13.32 19.97 10.38
N SER B 299 12.77 20.83 9.51
CA SER B 299 11.93 21.92 9.99
C SER B 299 10.66 21.41 10.65
N LEU B 300 10.04 20.37 10.08
CA LEU B 300 8.81 19.89 10.68
C LEU B 300 9.07 19.07 11.95
N LYS B 301 10.28 18.49 12.00
CA LYS B 301 10.75 17.77 13.22
C LYS B 301 10.88 18.79 14.35
N LYS B 302 11.42 19.99 14.05
CA LYS B 302 11.53 21.08 15.01
C LYS B 302 10.15 21.61 15.43
N THR B 303 9.20 21.66 14.49
CA THR B 303 7.86 22.13 14.81
C THR B 303 7.15 21.19 15.78
N ILE B 304 7.25 19.87 15.55
CA ILE B 304 6.65 18.90 16.45
C ILE B 304 7.31 18.95 17.83
N SER B 305 8.64 19.14 17.85
CA SER B 305 9.34 19.25 19.13
C SER B 305 8.93 20.50 19.89
N GLN B 306 8.69 21.60 19.18
CA GLN B 306 8.26 22.84 19.82
C GLN B 306 6.84 22.74 20.35
N ILE B 307 5.96 22.03 19.62
CA ILE B 307 4.59 21.82 20.09
C ILE B 307 4.57 20.93 21.33
N LYS B 308 5.42 19.91 21.36
CA LYS B 308 5.52 19.08 22.56
C LYS B 308 6.13 19.85 23.72
N SER B 309 7.06 20.76 23.43
CA SER B 309 7.68 21.57 24.49
C SER B 309 6.68 22.56 25.09
N GLU B 310 5.86 23.19 24.25
CA GLU B 310 4.91 24.19 24.75
C GLU B 310 3.79 23.54 25.55
N SER B 311 3.26 22.41 25.07
CA SER B 311 2.18 21.74 25.76
C SER B 311 2.71 20.61 26.63
N THR B 345 11.84 -9.04 37.13
CA THR B 345 11.68 -10.49 37.02
C THR B 345 10.35 -10.83 36.33
N GLY B 346 9.56 -9.79 36.05
CA GLY B 346 8.33 -9.96 35.31
C GLY B 346 7.11 -10.02 36.22
N PRO B 347 6.04 -10.64 35.73
CA PRO B 347 4.78 -10.69 36.50
C PRO B 347 4.89 -11.60 37.70
N GLN B 348 4.27 -11.17 38.79
CA GLN B 348 4.27 -11.92 40.04
C GLN B 348 3.28 -13.09 39.95
N PHE B 349 3.72 -14.24 40.47
CA PHE B 349 2.87 -15.42 40.46
C PHE B 349 1.72 -15.26 41.45
N VAL B 350 0.50 -15.26 40.93
CA VAL B 350 -0.72 -15.22 41.74
C VAL B 350 -1.57 -16.41 41.34
N SER B 351 -1.98 -17.20 42.32
CA SER B 351 -2.77 -18.39 42.04
C SER B 351 -4.24 -18.04 41.83
N GLY B 352 -4.83 -18.62 40.79
CA GLY B 352 -6.25 -18.44 40.53
C GLY B 352 -6.60 -17.33 39.57
N VAL B 353 -5.66 -16.87 38.74
CA VAL B 353 -5.90 -15.78 37.80
C VAL B 353 -5.86 -16.26 36.36
N ILE B 354 -5.84 -17.56 36.14
CA ILE B 354 -5.64 -18.14 34.81
C ILE B 354 -6.97 -18.70 34.34
N VAL B 355 -7.57 -18.06 33.34
CA VAL B 355 -8.84 -18.49 32.78
C VAL B 355 -8.60 -19.06 31.39
N LYS B 356 -8.87 -20.35 31.22
CA LYS B 356 -8.75 -21.00 29.93
C LYS B 356 -10.10 -21.05 29.25
N ILE B 357 -10.14 -20.64 27.98
CA ILE B 357 -11.36 -20.55 27.21
C ILE B 357 -11.27 -21.52 26.04
N ILE B 358 -12.28 -22.40 25.93
CA ILE B 358 -12.40 -23.36 24.85
C ILE B 358 -13.61 -22.98 24.02
N SER B 359 -13.49 -23.06 22.70
CA SER B 359 -14.57 -22.64 21.82
C SER B 359 -14.78 -23.65 20.70
N THR B 360 -16.03 -23.74 20.24
CA THR B 360 -16.33 -24.57 19.07
C THR B 360 -15.93 -23.86 17.79
N GLU B 361 -16.27 -22.58 17.68
CA GLU B 361 -15.89 -21.75 16.54
C GLU B 361 -14.47 -21.26 16.71
N PRO B 362 -13.80 -20.85 15.63
CA PRO B 362 -12.52 -20.16 15.77
C PRO B 362 -12.69 -18.82 16.46
N LEU B 363 -11.70 -18.47 17.27
CA LEU B 363 -11.79 -17.30 18.13
C LEU B 363 -11.57 -16.01 17.32
N PRO B 364 -12.24 -14.92 17.72
CA PRO B 364 -11.94 -13.62 17.10
C PRO B 364 -10.60 -13.08 17.55
N GLY B 365 -10.20 -11.96 16.93
CA GLY B 365 -8.91 -11.34 17.15
C GLY B 365 -8.59 -10.91 18.57
N ARG B 366 -7.32 -10.62 18.85
CA ARG B 366 -6.90 -10.31 20.22
C ARG B 366 -7.47 -8.99 20.71
N LYS B 367 -7.74 -8.05 19.80
CA LYS B 367 -8.42 -6.82 20.18
C LYS B 367 -9.86 -7.10 20.58
N GLN B 368 -10.52 -8.03 19.87
CA GLN B 368 -11.90 -8.38 20.19
C GLN B 368 -12.00 -9.11 21.52
N VAL B 369 -11.10 -10.06 21.77
CA VAL B 369 -11.10 -10.79 23.03
C VAL B 369 -10.72 -9.87 24.18
N ARG B 370 -9.80 -8.93 23.94
CA ARG B 370 -9.39 -7.99 24.98
C ARG B 370 -10.52 -7.01 25.30
N ASP B 371 -11.28 -6.59 24.29
CA ASP B 371 -12.43 -5.72 24.54
C ASP B 371 -13.56 -6.47 25.22
N THR B 372 -13.68 -7.77 24.95
CA THR B 372 -14.67 -8.59 25.64
C THR B 372 -14.32 -8.77 27.11
N LEU B 373 -13.06 -9.10 27.40
CA LEU B 373 -12.69 -9.44 28.77
C LEU B 373 -12.43 -8.19 29.62
N ALA B 374 -12.04 -7.08 28.98
CA ALA B 374 -11.67 -5.89 29.73
C ALA B 374 -12.90 -5.17 30.27
N ALA B 375 -14.05 -5.34 29.61
CA ALA B 375 -15.27 -4.65 30.02
C ALA B 375 -15.87 -5.20 31.31
N ILE B 376 -15.40 -6.35 31.78
CA ILE B 376 -15.92 -6.99 32.99
C ILE B 376 -14.92 -6.89 34.14
N SER B 377 -13.67 -7.28 33.90
CA SER B 377 -12.63 -7.25 34.93
C SER B 377 -11.36 -6.66 34.34
N GLU B 378 -10.28 -6.69 35.13
CA GLU B 378 -9.01 -6.09 34.76
C GLU B 378 -8.11 -7.17 34.16
N VAL B 379 -7.77 -7.02 32.89
CA VAL B 379 -7.01 -8.02 32.16
C VAL B 379 -5.54 -7.63 32.17
N LEU B 380 -4.67 -8.61 32.42
CA LEU B 380 -3.23 -8.41 32.25
C LEU B 380 -2.69 -9.02 30.97
N TYR B 381 -3.21 -10.17 30.54
CA TYR B 381 -2.71 -10.75 29.31
C TYR B 381 -3.81 -11.57 28.65
N VAL B 382 -3.85 -11.53 27.31
CA VAL B 382 -4.68 -12.42 26.50
C VAL B 382 -3.73 -13.23 25.63
N ASP B 383 -3.60 -14.52 25.94
CA ASP B 383 -2.75 -15.43 25.17
C ASP B 383 -3.63 -16.10 24.13
N LEU B 384 -3.41 -15.73 22.86
CA LEU B 384 -4.30 -16.10 21.78
C LEU B 384 -3.50 -16.30 20.50
N LEU B 385 -3.53 -17.51 19.96
CA LEU B 385 -2.96 -17.79 18.65
C LEU B 385 -4.00 -17.51 17.57
N GLU B 386 -3.58 -16.84 16.50
CA GLU B 386 -4.44 -16.57 15.37
C GLU B 386 -4.82 -17.86 14.65
N GLY B 387 -6.10 -18.19 14.67
CA GLY B 387 -6.61 -19.42 14.08
C GLY B 387 -6.85 -20.55 15.06
N ASP B 388 -6.38 -20.42 16.30
CA ASP B 388 -6.64 -21.44 17.30
C ASP B 388 -8.08 -21.34 17.81
N THR B 389 -8.59 -22.45 18.32
CA THR B 389 -9.93 -22.49 18.90
C THR B 389 -9.92 -22.32 20.41
N GLU B 390 -8.75 -22.30 21.05
CA GLU B 390 -8.65 -22.14 22.49
C GLU B 390 -7.71 -20.97 22.81
N CYS B 391 -7.89 -20.40 24.00
CA CYS B 391 -7.05 -19.27 24.40
C CYS B 391 -6.99 -19.22 25.93
N HIS B 392 -6.17 -18.31 26.43
CA HIS B 392 -5.99 -18.13 27.86
C HIS B 392 -6.04 -16.64 28.19
N ALA B 393 -6.35 -16.35 29.45
CA ALA B 393 -6.34 -14.99 29.96
C ALA B 393 -5.75 -14.97 31.35
N ARG B 394 -4.81 -14.07 31.59
CA ARG B 394 -4.22 -13.88 32.90
C ARG B 394 -4.64 -12.53 33.46
N PHE B 395 -5.14 -12.54 34.69
CA PHE B 395 -5.80 -11.40 35.31
C PHE B 395 -5.00 -10.93 36.53
N LYS B 396 -5.39 -9.77 37.04
CA LYS B 396 -4.61 -9.15 38.11
C LYS B 396 -4.88 -9.79 39.47
N THR B 397 -6.14 -9.99 39.80
CA THR B 397 -6.54 -10.58 41.08
C THR B 397 -7.42 -11.80 40.79
N PRO B 398 -7.47 -12.76 41.73
CA PRO B 398 -8.40 -13.89 41.54
C PRO B 398 -9.87 -13.50 41.61
N GLU B 399 -10.18 -12.37 42.27
CA GLU B 399 -11.56 -11.86 42.26
C GLU B 399 -11.98 -11.41 40.86
N ASP B 400 -11.03 -10.89 40.08
CA ASP B 400 -11.29 -10.55 38.68
C ASP B 400 -11.61 -11.81 37.86
N ALA B 401 -10.85 -12.88 38.08
CA ALA B 401 -11.10 -14.13 37.38
C ALA B 401 -12.43 -14.74 37.80
N GLN B 402 -12.80 -14.59 39.08
CA GLN B 402 -14.09 -15.07 39.55
C GLN B 402 -15.24 -14.27 38.93
N ALA B 403 -15.07 -12.95 38.81
CA ALA B 403 -16.07 -12.12 38.17
C ALA B 403 -16.18 -12.41 36.67
N VAL B 404 -15.09 -12.88 36.05
CA VAL B 404 -15.17 -13.26 34.65
C VAL B 404 -15.86 -14.61 34.48
N ILE B 405 -15.49 -15.61 35.28
CA ILE B 405 -16.08 -16.94 35.09
C ILE B 405 -17.52 -16.98 35.57
N ASN B 406 -17.91 -16.10 36.49
CA ASN B 406 -19.31 -15.99 36.87
C ASN B 406 -20.08 -14.99 36.01
N ALA B 407 -19.46 -14.44 34.97
CA ALA B 407 -20.16 -13.63 33.97
C ALA B 407 -20.68 -14.53 32.84
N TYR B 408 -21.64 -15.38 33.21
CA TYR B 408 -22.25 -16.30 32.25
C TYR B 408 -23.10 -15.54 31.23
N THR B 409 -23.69 -14.43 31.65
CA THR B 409 -24.55 -13.64 30.77
C THR B 409 -23.73 -12.96 29.67
N GLU B 410 -22.70 -12.21 30.07
CA GLU B 410 -21.99 -11.35 29.13
C GLU B 410 -21.02 -12.11 28.23
N ILE B 411 -20.68 -13.35 28.58
CA ILE B 411 -19.64 -14.06 27.85
C ILE B 411 -20.20 -15.33 27.19
N ASN B 412 -20.70 -16.26 27.99
CA ASN B 412 -20.97 -17.61 27.51
C ASN B 412 -22.23 -17.66 26.64
N LYS B 413 -23.21 -16.81 26.92
CA LYS B 413 -24.40 -16.77 26.09
C LYS B 413 -24.21 -15.94 24.83
N LYS B 414 -23.32 -14.96 24.85
CA LYS B 414 -23.02 -14.19 23.65
C LYS B 414 -22.06 -14.92 22.73
N HIS B 415 -21.03 -15.54 23.30
CA HIS B 415 -20.07 -16.34 22.55
C HIS B 415 -20.01 -17.73 23.16
N CYS B 416 -20.13 -18.76 22.32
CA CYS B 416 -20.22 -20.15 22.78
C CYS B 416 -18.84 -20.61 23.29
N TRP B 417 -18.52 -20.16 24.50
CA TRP B 417 -17.23 -20.38 25.12
C TRP B 417 -17.40 -21.13 26.43
N LYS B 418 -16.38 -21.93 26.77
CA LYS B 418 -16.26 -22.56 28.07
C LYS B 418 -15.02 -22.01 28.75
N LEU B 419 -15.23 -21.20 29.78
CA LEU B 419 -14.14 -20.53 30.49
C LEU B 419 -14.04 -21.11 31.89
N GLU B 420 -12.87 -21.67 32.20
CA GLU B 420 -12.63 -22.27 33.51
C GLU B 420 -11.37 -21.67 34.11
N ILE B 421 -11.19 -21.91 35.41
CA ILE B 421 -10.01 -21.45 36.12
C ILE B 421 -9.04 -22.61 36.23
N LEU B 422 -7.87 -22.47 35.59
CA LEU B 422 -6.86 -23.51 35.69
C LEU B 422 -6.18 -23.46 37.06
N SER B 423 -5.85 -24.64 37.57
CA SER B 423 -5.21 -24.75 38.87
C SER B 423 -4.35 -26.01 38.88
N GLY B 424 -3.37 -26.01 39.77
CA GLY B 424 -2.51 -27.17 39.90
C GLY B 424 -1.49 -27.26 38.78
N ASP B 425 -1.44 -28.43 38.14
CA ASP B 425 -0.41 -28.71 37.16
C ASP B 425 -0.61 -27.94 35.86
N HIS B 426 -1.88 -27.73 35.46
CA HIS B 426 -2.16 -26.92 34.27
C HIS B 426 -1.74 -25.47 34.48
N GLU B 427 -2.00 -24.92 35.67
CA GLU B 427 -1.59 -23.55 35.97
C GLU B 427 -0.07 -23.44 36.10
N GLN B 428 0.58 -24.46 36.66
CA GLN B 428 2.03 -24.46 36.74
C GLN B 428 2.68 -24.50 35.36
N ARG B 429 2.15 -25.36 34.47
CA ARG B 429 2.66 -25.43 33.11
C ARG B 429 2.37 -24.13 32.34
N TYR B 430 1.23 -23.49 32.62
CA TYR B 430 0.94 -22.22 31.95
C TYR B 430 1.85 -21.10 32.44
N TRP B 431 2.17 -21.06 33.74
CA TRP B 431 3.11 -20.06 34.22
C TRP B 431 4.53 -20.32 33.73
N GLN B 432 4.90 -21.60 33.55
CA GLN B 432 6.15 -21.90 32.87
C GLN B 432 6.13 -21.44 31.43
N LYS B 433 4.96 -21.52 30.77
CA LYS B 433 4.82 -21.00 29.42
C LYS B 433 4.96 -19.48 29.40
N ILE B 434 4.45 -18.80 30.44
CA ILE B 434 4.62 -17.36 30.58
C ILE B 434 6.10 -17.01 30.71
N LEU B 435 6.82 -17.79 31.53
CA LEU B 435 8.26 -17.57 31.71
C LEU B 435 9.02 -17.81 30.41
N VAL B 436 8.65 -18.85 29.66
CA VAL B 436 9.30 -19.15 28.39
C VAL B 436 9.00 -18.05 27.36
N ASP B 437 7.77 -17.57 27.32
CA ASP B 437 7.41 -16.51 26.37
C ASP B 437 8.08 -15.19 26.72
N ARG B 438 8.21 -14.89 28.02
CA ARG B 438 8.90 -13.69 28.45
C ARG B 438 10.39 -13.75 28.13
N GLN B 439 11.02 -14.90 28.40
CA GLN B 439 12.44 -15.07 28.09
C GLN B 439 12.66 -15.07 26.58
N ALA B 440 11.70 -15.57 25.81
CA ALA B 440 11.82 -15.56 24.36
C ALA B 440 11.71 -14.15 23.81
N LYS B 441 10.71 -13.39 24.27
CA LYS B 441 10.54 -12.01 23.80
C LYS B 441 11.68 -11.12 24.24
N LEU B 442 12.28 -11.42 25.40
CA LEU B 442 13.47 -10.69 25.83
C LEU B 442 14.68 -11.07 24.98
N ASN B 443 14.86 -12.36 24.68
CA ASN B 443 16.04 -12.79 23.95
C ASN B 443 15.94 -12.46 22.46
N GLN B 444 14.74 -12.20 21.96
CA GLN B 444 14.60 -11.73 20.59
C GLN B 444 15.17 -10.33 20.45
N PRO B 445 15.84 -10.02 19.35
CA PRO B 445 16.29 -8.65 19.11
C PRO B 445 15.11 -7.74 18.80
N ARG B 446 15.32 -6.44 18.96
CA ARG B 446 14.25 -5.48 18.77
C ARG B 446 13.88 -5.36 17.29
N GLU B 447 12.59 -5.16 17.03
CA GLU B 447 12.12 -4.98 15.68
C GLU B 447 12.60 -3.64 15.14
N LYS B 448 12.81 -3.57 13.83
CA LYS B 448 13.29 -2.35 13.20
C LYS B 448 12.12 -1.63 12.54
N LYS B 449 12.06 -0.32 12.76
CA LYS B 449 11.07 0.55 12.15
C LYS B 449 11.79 1.76 11.61
N ARG B 450 11.47 2.13 10.36
CA ARG B 450 12.14 3.24 9.72
C ARG B 450 11.78 4.55 10.43
N GLY B 451 12.76 5.45 10.52
CA GLY B 451 12.56 6.68 11.25
C GLY B 451 11.56 7.60 10.60
N THR B 452 11.55 7.62 9.27
CA THR B 452 10.64 8.51 8.55
C THR B 452 9.19 8.04 8.66
N GLU B 453 8.96 6.73 8.72
CA GLU B 453 7.60 6.23 8.90
C GLU B 453 7.09 6.51 10.31
N LYS B 454 7.96 6.38 11.30
CA LYS B 454 7.57 6.67 12.68
C LYS B 454 7.26 8.14 12.87
N LEU B 455 8.08 9.00 12.26
CA LEU B 455 7.91 10.47 12.36
C LEU B 455 6.66 10.93 11.58
N ILE B 456 6.32 10.27 10.46
CA ILE B 456 5.15 10.70 9.70
C ILE B 456 3.87 10.15 10.33
N THR B 457 3.96 9.01 11.02
CA THR B 457 2.81 8.48 11.76
C THR B 457 2.50 9.35 12.98
N LYS B 458 3.54 9.77 13.71
CA LYS B 458 3.35 10.68 14.83
C LYS B 458 2.73 12.01 14.39
N ALA B 459 3.20 12.54 13.25
CA ALA B 459 2.68 13.82 12.78
C ALA B 459 1.25 13.69 12.30
N GLU B 460 0.92 12.54 11.69
CA GLU B 460 -0.45 12.30 11.18
C GLU B 460 -1.42 12.20 12.37
N LYS B 461 -1.02 11.53 13.44
CA LYS B 461 -1.86 11.37 14.62
C LYS B 461 -2.05 12.71 15.34
N ILE B 462 -1.00 13.53 15.39
CA ILE B 462 -1.14 14.86 16.00
C ILE B 462 -2.01 15.78 15.14
N ARG B 463 -1.97 15.56 13.82
CA ARG B 463 -2.82 16.35 12.90
C ARG B 463 -4.29 16.01 13.19
N LEU B 464 -4.63 14.72 13.25
CA LEU B 464 -6.00 14.31 13.59
C LEU B 464 -6.44 14.82 14.96
N ALA B 465 -5.53 14.80 15.95
CA ALA B 465 -5.88 15.25 17.29
C ALA B 465 -6.14 16.76 17.32
N LYS B 466 -5.33 17.54 16.60
CA LYS B 466 -5.51 18.99 16.63
C LYS B 466 -6.64 19.44 15.72
N THR B 467 -7.05 18.61 14.76
CA THR B 467 -8.24 18.94 13.99
C THR B 467 -9.52 18.56 14.73
N GLN B 468 -9.53 17.42 15.43
CA GLN B 468 -10.74 17.05 16.18
C GLN B 468 -10.93 17.93 17.40
N GLN B 469 -9.85 18.45 17.97
CA GLN B 469 -9.96 19.36 19.11
C GLN B 469 -10.14 20.80 18.64
#